data_3D6V
#
_entry.id   3D6V
#
_cell.length_a   104.155
_cell.length_b   104.155
_cell.length_c   70.826
_cell.angle_alpha   90.00
_cell.angle_beta   90.00
_cell.angle_gamma   90.00
#
_symmetry.space_group_name_H-M   'P 43 21 2'
#
loop_
_entity.id
_entity.type
_entity.pdbx_description
1 polymer 'Tyrosyl-tRNA synthetase'
2 non-polymer 4-(2,2,2-TRIFLUOROETHYL)-L-PHENYLALANINE
3 non-polymer BETA-MERCAPTOETHANOL
4 water water
#
_entity_poly.entity_id   1
_entity_poly.type   'polypeptide(L)'
_entity_poly.pdbx_seq_one_letter_code
;MDEFEMIKRNTSEIISEEELREVLKKDEKSAIIGFEPSGKIHLGHYLQIKKMIDLQNAGFDIIILLADLFAYLNQKGELD
EIRKIGDYNKKVFEAMGLKAKYVYGSSFMLDKDYTLNVYRLALKTTLKRARRSMELIAREDENPKVAEVIYPIMQVNPLH
YEGVDVAVGGMEQRKIHMLARELLPKKVVCIHNPVLTGLDGEGKMSSSKGNFIAVDDSPEEIRAKIKKAYCPAGVVEGNP
IMEIAKYFLEYPLTIKRPEKFGGDLTVNSYEELESLFKNKELHPMDLKNAVAEELIKILEPIRKRLLEHHHHHH
;
_entity_poly.pdbx_strand_id   A
#
# COMPACT_ATOMS: atom_id res chain seq x y z
N ASP A 2 23.01 0.03 -3.06
CA ASP A 2 22.83 -1.10 -2.10
C ASP A 2 21.43 -1.69 -2.43
N GLU A 3 21.33 -3.02 -2.46
CA GLU A 3 20.03 -3.65 -2.59
C GLU A 3 19.19 -3.29 -1.39
N PHE A 4 19.81 -3.36 -0.21
CA PHE A 4 19.19 -3.05 1.04
C PHE A 4 18.55 -1.68 1.12
N GLU A 5 19.30 -0.67 0.65
CA GLU A 5 18.89 0.71 0.72
C GLU A 5 17.86 0.97 -0.38
N MET A 6 17.89 0.24 -1.50
CA MET A 6 16.81 0.32 -2.46
C MET A 6 15.44 -0.16 -1.84
N ILE A 7 15.46 -1.29 -1.15
CA ILE A 7 14.30 -1.88 -0.52
C ILE A 7 13.75 -0.94 0.58
N LYS A 8 14.68 -0.45 1.38
CA LYS A 8 14.38 0.50 2.44
C LYS A 8 13.90 1.89 2.01
N ARG A 9 14.30 2.36 0.84
CA ARG A 9 13.79 3.65 0.35
C ARG A 9 12.24 3.75 0.39
N ASN A 10 11.77 4.76 1.09
CA ASN A 10 10.36 5.07 1.27
C ASN A 10 9.48 4.08 2.09
N THR A 11 10.07 3.27 2.97
CA THR A 11 9.31 2.41 3.86
C THR A 11 9.25 3.19 5.15
N SER A 12 8.32 2.83 6.04
CA SER A 12 8.25 3.49 7.34
C SER A 12 9.06 2.72 8.34
N GLU A 13 9.07 1.40 8.24
CA GLU A 13 9.94 0.62 9.09
C GLU A 13 10.15 -0.76 8.51
N ILE A 14 11.28 -1.35 8.88
CA ILE A 14 11.62 -2.73 8.56
C ILE A 14 11.87 -3.47 9.88
N ILE A 15 11.22 -4.59 10.14
CA ILE A 15 11.43 -5.34 11.38
C ILE A 15 11.94 -6.72 11.08
N SER A 16 13.25 -6.96 11.20
CA SER A 16 14.24 -5.95 11.51
C SER A 16 15.23 -5.90 10.40
N GLU A 17 16.01 -4.85 10.44
CA GLU A 17 17.08 -4.66 9.46
C GLU A 17 18.23 -5.71 9.41
N GLU A 18 18.68 -6.18 10.57
CA GLU A 18 19.70 -7.26 10.69
CA GLU A 18 19.69 -7.22 10.69
C GLU A 18 19.17 -8.52 10.03
N GLU A 19 17.93 -8.93 10.38
CA GLU A 19 17.34 -10.08 9.68
C GLU A 19 17.16 -9.82 8.18
N LEU A 20 16.84 -8.62 7.76
CA LEU A 20 16.80 -8.44 6.33
C LEU A 20 18.16 -8.59 5.63
N ARG A 21 19.27 -8.24 6.28
CA ARG A 21 20.55 -8.39 5.59
C ARG A 21 20.85 -9.88 5.38
N GLU A 22 20.50 -10.73 6.35
CA GLU A 22 20.64 -12.16 6.19
C GLU A 22 19.78 -12.68 5.08
N VAL A 23 18.51 -12.32 5.03
CA VAL A 23 17.66 -12.80 3.94
C VAL A 23 18.33 -12.43 2.61
N LEU A 24 18.87 -11.21 2.47
CA LEU A 24 19.35 -10.80 1.16
C LEU A 24 20.53 -11.67 0.66
N LYS A 25 21.27 -12.29 1.60
CA LYS A 25 22.40 -13.19 1.28
C LYS A 25 22.05 -14.50 0.51
N LYS A 26 20.84 -15.03 0.74
CA LYS A 26 20.42 -16.22 0.15
C LYS A 26 20.08 -16.06 -1.30
N ASP A 27 20.12 -17.21 -1.96
CA ASP A 27 19.91 -17.36 -3.36
C ASP A 27 18.43 -17.44 -3.63
N GLU A 28 17.67 -17.95 -2.66
CA GLU A 28 16.24 -18.12 -2.83
C GLU A 28 15.53 -17.50 -1.66
N LYS A 29 14.63 -16.54 -1.99
CA LYS A 29 13.96 -15.66 -1.04
C LYS A 29 12.60 -15.34 -1.68
N SER A 30 11.57 -15.29 -0.85
CA SER A 30 10.28 -14.91 -1.31
C SER A 30 9.62 -13.89 -0.41
N ALA A 31 8.73 -13.08 -0.98
CA ALA A 31 8.11 -11.99 -0.23
C ALA A 31 6.64 -12.11 -0.52
N ILE A 32 5.82 -11.90 0.50
CA ILE A 32 4.39 -11.96 0.33
C ILE A 32 3.73 -10.60 0.70
N ILE A 33 2.60 -10.27 0.04
CA ILE A 33 1.74 -9.18 0.47
C ILE A 33 0.31 -9.67 0.31
N GLY A 34 -0.62 -9.34 1.26
CA GLY A 34 -2.05 -9.69 1.00
C GLY A 34 -2.89 -8.46 0.77
N PHE A 35 -3.91 -8.55 -0.09
CA PHE A 35 -4.89 -7.43 -0.23
C PHE A 35 -6.32 -7.90 -0.16
N GLU A 36 -7.19 -7.30 0.66
CA GLU A 36 -8.64 -7.49 0.44
C GLU A 36 -9.03 -6.96 -0.97
N PRO A 37 -9.68 -7.77 -1.81
CA PRO A 37 -10.12 -7.23 -3.09
C PRO A 37 -10.90 -5.97 -2.93
N SER A 38 -10.65 -5.09 -3.87
CA SER A 38 -11.08 -3.69 -3.83
C SER A 38 -11.70 -3.35 -5.20
N GLY A 39 -12.86 -2.69 -5.10
CA GLY A 39 -13.59 -2.27 -6.30
C GLY A 39 -12.77 -1.33 -7.18
N LYS A 40 -12.02 -0.47 -6.54
CA LYS A 40 -11.12 0.47 -7.21
C LYS A 40 -9.68 0.23 -6.67
N ILE A 41 -8.67 0.12 -7.52
CA ILE A 41 -7.26 0.16 -7.09
C ILE A 41 -6.64 1.58 -7.14
N HIS A 42 -6.18 2.13 -6.02
CA HIS A 42 -5.74 3.46 -5.94
C HIS A 42 -4.23 3.57 -5.59
N LEU A 43 -3.73 4.78 -5.47
CA LEU A 43 -2.30 4.98 -5.31
C LEU A 43 -1.75 4.34 -4.06
N GLY A 44 -2.56 4.23 -3.01
CA GLY A 44 -2.20 3.37 -1.82
C GLY A 44 -1.79 1.94 -2.15
N HIS A 45 -2.51 1.34 -3.11
CA HIS A 45 -2.18 0.03 -3.60
C HIS A 45 -0.88 0.07 -4.38
N TYR A 46 -0.73 1.06 -5.24
CA TYR A 46 0.41 1.14 -6.12
C TYR A 46 1.69 1.39 -5.33
N LEU A 47 1.64 2.19 -4.29
CA LEU A 47 2.85 2.36 -3.51
C LEU A 47 3.40 0.98 -3.02
N GLN A 48 2.51 0.05 -2.76
CA GLN A 48 2.91 -1.22 -2.21
C GLN A 48 3.33 -2.14 -3.25
N ILE A 49 2.60 -2.20 -4.37
CA ILE A 49 3.12 -2.86 -5.56
C ILE A 49 4.48 -2.38 -5.99
N LYS A 50 4.74 -1.06 -5.96
CA LYS A 50 6.13 -0.57 -6.20
C LYS A 50 7.15 -1.07 -5.25
N LYS A 51 6.80 -1.28 -3.99
CA LYS A 51 7.75 -1.92 -3.12
C LYS A 51 8.01 -3.33 -3.48
N MET A 52 6.97 -4.08 -3.88
CA MET A 52 7.12 -5.45 -4.32
C MET A 52 7.99 -5.56 -5.58
N ILE A 53 7.88 -4.60 -6.52
CA ILE A 53 8.76 -4.56 -7.75
C ILE A 53 10.23 -4.35 -7.34
N ASP A 54 10.52 -3.40 -6.43
CA ASP A 54 11.81 -3.36 -5.73
C ASP A 54 12.36 -4.69 -5.19
N LEU A 55 11.56 -5.44 -4.42
CA LEU A 55 11.99 -6.76 -3.94
C LEU A 55 12.28 -7.74 -5.11
N GLN A 56 11.40 -7.73 -6.12
CA GLN A 56 11.54 -8.54 -7.31
C GLN A 56 12.85 -8.20 -8.05
N ASN A 57 13.17 -6.92 -8.22
CA ASN A 57 14.49 -6.52 -8.75
C ASN A 57 15.66 -6.98 -7.92
N ALA A 58 15.39 -7.31 -6.68
CA ALA A 58 16.48 -7.56 -5.78
C ALA A 58 16.62 -9.04 -5.66
N GLY A 59 15.92 -9.81 -6.52
CA GLY A 59 15.98 -11.28 -6.49
C GLY A 59 14.89 -12.10 -5.80
N PHE A 60 13.82 -11.47 -5.30
CA PHE A 60 12.84 -12.21 -4.47
C PHE A 60 11.78 -12.82 -5.41
N ASP A 61 11.28 -14.01 -5.14
CA ASP A 61 10.01 -14.46 -5.74
C ASP A 61 8.85 -13.70 -5.01
N ILE A 62 7.84 -13.20 -5.75
CA ILE A 62 6.74 -12.43 -5.21
C ILE A 62 5.43 -13.23 -5.18
N ILE A 63 4.75 -13.22 -4.00
CA ILE A 63 3.43 -13.88 -3.88
C ILE A 63 2.43 -12.85 -3.43
N ILE A 64 1.33 -12.80 -4.15
CA ILE A 64 0.24 -11.89 -3.89
C ILE A 64 -0.93 -12.75 -3.41
N LEU A 65 -1.40 -12.48 -2.20
CA LEU A 65 -2.52 -13.21 -1.67
C LEU A 65 -3.76 -12.34 -1.94
N LEU A 66 -4.66 -12.82 -2.78
CA LEU A 66 -5.97 -12.11 -3.02
C LEU A 66 -6.90 -12.51 -1.87
N ALA A 67 -6.96 -11.70 -0.81
CA ALA A 67 -7.36 -12.20 0.55
C ALA A 67 -8.89 -12.14 0.58
N ASP A 68 -9.55 -12.98 -0.23
CA ASP A 68 -11.04 -12.93 -0.39
C ASP A 68 -11.89 -13.24 0.89
N LEU A 69 -11.47 -14.22 1.66
CA LEU A 69 -12.16 -14.59 2.90
C LEU A 69 -12.03 -13.48 3.91
N PHE A 70 -10.86 -12.85 3.92
CA PHE A 70 -10.59 -11.70 4.79
C PHE A 70 -11.57 -10.58 4.46
N ALA A 71 -11.80 -10.30 3.16
CA ALA A 71 -12.76 -9.28 2.74
C ALA A 71 -14.17 -9.69 3.15
N TYR A 72 -14.45 -10.98 3.05
CA TYR A 72 -15.69 -11.56 3.46
C TYR A 72 -15.98 -11.26 4.97
N LEU A 73 -15.02 -11.57 5.86
CA LEU A 73 -15.05 -11.25 7.32
C LEU A 73 -15.08 -9.77 7.58
N ASN A 74 -14.48 -8.96 6.72
CA ASN A 74 -14.58 -7.53 6.88
C ASN A 74 -15.83 -6.96 6.15
N GLN A 75 -16.85 -7.75 5.91
CA GLN A 75 -18.15 -7.22 5.39
C GLN A 75 -18.16 -6.54 4.02
N LYS A 76 -17.41 -7.09 3.08
CA LYS A 76 -17.24 -6.50 1.80
C LYS A 76 -18.22 -7.15 0.83
N GLY A 77 -19.01 -8.13 1.28
CA GLY A 77 -19.92 -8.89 0.42
C GLY A 77 -19.86 -10.42 0.49
N GLU A 78 -20.47 -11.03 -0.50
CA GLU A 78 -20.50 -12.43 -0.69
C GLU A 78 -19.22 -12.83 -1.39
N LEU A 79 -18.81 -14.07 -1.15
CA LEU A 79 -17.53 -14.54 -1.57
C LEU A 79 -17.28 -14.60 -3.04
N ASP A 80 -18.21 -15.10 -3.84
CA ASP A 80 -17.85 -15.30 -5.24
C ASP A 80 -17.82 -14.00 -6.05
N GLU A 81 -18.61 -13.02 -5.57
CA GLU A 81 -18.55 -11.58 -5.87
C GLU A 81 -17.16 -10.96 -5.46
N ILE A 82 -16.66 -11.33 -4.28
CA ILE A 82 -15.31 -10.96 -3.82
C ILE A 82 -14.21 -11.61 -4.68
N ARG A 83 -14.38 -12.88 -5.02
CA ARG A 83 -13.44 -13.55 -5.89
C ARG A 83 -13.40 -12.98 -7.32
N LYS A 84 -14.51 -12.38 -7.77
CA LYS A 84 -14.50 -11.68 -9.05
C LYS A 84 -13.88 -10.25 -9.02
N ILE A 85 -14.11 -9.47 -7.95
CA ILE A 85 -13.27 -8.31 -7.69
C ILE A 85 -11.78 -8.71 -7.59
N GLY A 86 -11.42 -9.76 -6.87
CA GLY A 86 -10.01 -10.19 -6.84
C GLY A 86 -9.43 -10.44 -8.24
N ASP A 87 -10.23 -10.94 -9.15
CA ASP A 87 -9.76 -11.27 -10.52
C ASP A 87 -9.35 -10.03 -11.30
N TYR A 88 -10.19 -9.00 -11.17
CA TYR A 88 -9.93 -7.72 -11.74
C TYR A 88 -8.65 -7.10 -11.09
N ASN A 89 -8.56 -7.07 -9.75
CA ASN A 89 -7.37 -6.47 -9.08
C ASN A 89 -6.08 -7.11 -9.61
N LYS A 90 -6.14 -8.38 -9.91
CA LYS A 90 -4.94 -9.09 -10.42
C LYS A 90 -4.59 -8.61 -11.83
N LYS A 91 -5.58 -8.39 -12.73
CA LYS A 91 -5.34 -7.60 -13.98
C LYS A 91 -4.64 -6.25 -13.75
N VAL A 92 -5.13 -5.42 -12.86
CA VAL A 92 -4.47 -4.16 -12.50
C VAL A 92 -3.03 -4.37 -12.05
N PHE A 93 -2.77 -5.38 -11.19
CA PHE A 93 -1.38 -5.54 -10.66
C PHE A 93 -0.44 -5.99 -11.76
N GLU A 94 -0.92 -6.80 -12.71
CA GLU A 94 -0.12 -7.21 -13.88
C GLU A 94 0.20 -6.02 -14.82
N ALA A 95 -0.78 -5.15 -15.05
CA ALA A 95 -0.57 -3.89 -15.75
C ALA A 95 0.36 -2.92 -15.04
N MET A 96 0.50 -3.00 -13.70
CA MET A 96 1.58 -2.21 -12.98
C MET A 96 3.03 -2.73 -13.22
N GLY A 97 3.17 -3.84 -13.93
CA GLY A 97 4.54 -4.33 -14.12
C GLY A 97 5.02 -5.37 -13.10
N LEU A 98 4.08 -6.00 -12.41
CA LEU A 98 4.42 -6.97 -11.42
C LEU A 98 4.44 -8.37 -12.01
N LYS A 99 5.55 -9.06 -11.78
CA LYS A 99 5.80 -10.44 -12.16
C LYS A 99 5.64 -11.27 -10.86
N ALA A 100 4.46 -11.82 -10.61
CA ALA A 100 4.17 -12.49 -9.33
C ALA A 100 3.34 -13.78 -9.49
N LYS A 101 3.29 -14.62 -8.44
CA LYS A 101 2.23 -15.62 -8.28
C LYS A 101 1.03 -15.11 -7.45
N TYR A 102 -0.18 -15.41 -7.91
CA TYR A 102 -1.42 -14.91 -7.31
C TYR A 102 -2.12 -16.11 -6.70
N VAL A 103 -2.45 -16.01 -5.40
CA VAL A 103 -3.19 -17.02 -4.67
C VAL A 103 -4.51 -16.42 -4.10
N TYR A 104 -5.61 -17.18 -4.27
CA TYR A 104 -6.88 -16.91 -3.62
C TYR A 104 -6.87 -17.52 -2.23
N GLY A 105 -7.19 -16.75 -1.18
CA GLY A 105 -7.15 -17.22 0.20
C GLY A 105 -8.00 -18.47 0.34
N SER A 106 -9.19 -18.41 -0.25
CA SER A 106 -10.20 -19.47 -0.04
C SER A 106 -9.82 -20.80 -0.65
N SER A 107 -8.78 -20.82 -1.50
CA SER A 107 -8.25 -22.06 -2.03
C SER A 107 -7.44 -22.84 -1.06
N PHE A 108 -7.06 -22.27 0.08
CA PHE A 108 -6.39 -23.11 1.06
C PHE A 108 -6.81 -22.86 2.52
N MET A 109 -7.64 -21.85 2.75
CA MET A 109 -7.87 -21.28 4.06
C MET A 109 -8.99 -22.00 4.73
N LEU A 110 -9.57 -22.99 4.03
CA LEU A 110 -10.67 -23.74 4.52
C LEU A 110 -10.26 -25.15 4.73
N ASP A 111 -8.97 -25.45 4.55
CA ASP A 111 -8.39 -26.73 4.82
C ASP A 111 -8.34 -26.97 6.30
N LYS A 112 -8.48 -28.23 6.65
CA LYS A 112 -8.53 -28.65 8.00
C LYS A 112 -7.39 -28.20 8.83
N ASP A 113 -6.18 -28.24 8.28
CA ASP A 113 -5.01 -27.77 9.09
C ASP A 113 -4.88 -26.22 9.26
N TYR A 114 -5.27 -25.49 8.25
CA TYR A 114 -5.45 -24.12 8.38
C TYR A 114 -6.45 -23.82 9.52
N THR A 115 -7.67 -24.40 9.46
CA THR A 115 -8.67 -24.23 10.52
C THR A 115 -8.20 -24.55 11.95
N LEU A 116 -7.47 -25.65 12.14
CA LEU A 116 -6.97 -25.98 13.45
C LEU A 116 -5.98 -24.99 14.02
N ASN A 117 -5.11 -24.43 13.18
CA ASN A 117 -4.28 -23.31 13.63
C ASN A 117 -5.00 -22.04 14.09
N VAL A 118 -6.06 -21.69 13.39
CA VAL A 118 -6.91 -20.59 13.74
C VAL A 118 -7.44 -20.87 15.18
N TYR A 119 -7.99 -22.08 15.45
CA TYR A 119 -8.48 -22.45 16.83
C TYR A 119 -7.39 -22.40 17.87
N ARG A 120 -6.20 -22.83 17.48
CA ARG A 120 -5.02 -22.84 18.38
C ARG A 120 -4.62 -21.42 18.71
N LEU A 121 -4.56 -20.56 17.68
CA LEU A 121 -4.23 -19.17 17.95
C LEU A 121 -5.31 -18.43 18.69
N ALA A 122 -6.59 -18.78 18.50
CA ALA A 122 -7.69 -18.11 19.22
C ALA A 122 -7.53 -18.37 20.73
N LEU A 123 -6.83 -19.43 21.10
CA LEU A 123 -6.52 -19.74 22.50
C LEU A 123 -5.41 -18.91 23.08
N LYS A 124 -4.59 -18.24 22.26
CA LYS A 124 -3.42 -17.49 22.77
C LYS A 124 -3.57 -16.05 22.62
N THR A 125 -4.67 -15.61 22.00
CA THR A 125 -4.85 -14.26 21.69
C THR A 125 -6.02 -13.70 22.49
N THR A 126 -5.84 -12.55 23.17
CA THR A 126 -6.90 -11.96 24.00
C THR A 126 -7.84 -11.21 23.11
N LEU A 127 -9.10 -11.16 23.51
CA LEU A 127 -10.05 -10.33 22.89
C LEU A 127 -9.57 -8.87 22.83
N LYS A 128 -9.03 -8.35 23.92
CA LYS A 128 -8.56 -6.98 23.95
C LYS A 128 -7.49 -6.77 22.87
N ARG A 129 -6.51 -7.63 22.75
CA ARG A 129 -5.44 -7.41 21.81
C ARG A 129 -5.92 -7.53 20.34
N ALA A 130 -6.80 -8.53 20.04
CA ALA A 130 -7.44 -8.71 18.71
C ALA A 130 -8.17 -7.51 18.31
N ARG A 131 -9.01 -6.96 19.20
CA ARG A 131 -9.71 -5.71 18.92
C ARG A 131 -8.76 -4.49 18.70
N ARG A 132 -7.78 -4.28 19.55
CA ARG A 132 -6.82 -3.19 19.35
CA ARG A 132 -6.86 -3.16 19.33
C ARG A 132 -6.18 -3.31 17.96
N SER A 133 -5.89 -4.54 17.56
CA SER A 133 -5.12 -4.83 16.36
C SER A 133 -5.91 -4.43 15.15
N MET A 134 -7.22 -4.34 15.28
CA MET A 134 -8.14 -4.06 14.13
C MET A 134 -8.62 -2.66 14.05
N GLU A 135 -8.21 -1.80 14.96
CA GLU A 135 -8.78 -0.40 14.97
C GLU A 135 -8.65 0.33 13.64
N LEU A 136 -7.50 0.19 12.94
CA LEU A 136 -7.33 0.88 11.67
C LEU A 136 -7.89 0.10 10.48
N ILE A 137 -8.31 -1.14 10.68
CA ILE A 137 -8.69 -2.07 9.56
C ILE A 137 -10.21 -2.36 9.48
N ALA A 138 -10.87 -2.43 10.63
CA ALA A 138 -12.20 -3.01 10.71
C ALA A 138 -13.16 -2.07 10.08
N ARG A 139 -14.07 -2.59 9.30
CA ARG A 139 -15.15 -1.80 8.77
C ARG A 139 -15.88 -1.01 9.90
N GLU A 140 -16.41 0.17 9.60
CA GLU A 140 -17.10 0.94 10.66
C GLU A 140 -18.40 0.20 11.08
N ASP A 141 -18.62 0.00 12.37
CA ASP A 141 -19.75 -0.85 12.83
C ASP A 141 -20.06 -0.37 14.27
N GLU A 142 -21.29 0.14 14.45
CA GLU A 142 -21.76 0.49 15.80
C GLU A 142 -21.97 -0.70 16.73
N ASN A 143 -22.23 -1.88 16.17
CA ASN A 143 -22.29 -3.12 16.93
C ASN A 143 -21.24 -4.18 16.46
N PRO A 144 -19.97 -4.11 16.90
CA PRO A 144 -18.91 -4.98 16.31
C PRO A 144 -19.29 -6.46 16.37
N LYS A 145 -19.00 -7.17 15.29
CA LYS A 145 -19.24 -8.58 15.10
C LYS A 145 -18.08 -9.47 15.49
N VAL A 146 -18.35 -10.75 15.74
CA VAL A 146 -17.37 -11.72 16.15
C VAL A 146 -16.34 -11.80 14.96
N ALA A 147 -16.78 -11.72 13.70
CA ALA A 147 -15.90 -11.76 12.54
C ALA A 147 -14.66 -10.85 12.72
N GLU A 148 -14.82 -9.72 13.39
CA GLU A 148 -13.72 -8.72 13.59
C GLU A 148 -12.51 -9.24 14.34
N VAL A 149 -12.74 -10.22 15.15
CA VAL A 149 -11.68 -10.67 16.06
C VAL A 149 -11.11 -11.99 15.50
N ILE A 150 -11.83 -12.61 14.61
CA ILE A 150 -11.25 -13.72 13.90
C ILE A 150 -10.26 -13.25 12.77
N TYR A 151 -10.58 -12.17 12.11
CA TYR A 151 -9.72 -11.66 11.05
C TYR A 151 -8.25 -11.64 11.44
N PRO A 152 -7.89 -11.02 12.60
CA PRO A 152 -6.42 -10.92 12.84
C PRO A 152 -5.76 -12.28 13.19
N ILE A 153 -6.51 -13.17 13.84
CA ILE A 153 -5.90 -14.40 14.07
C ILE A 153 -5.69 -15.18 12.73
N MET A 154 -6.58 -15.06 11.75
CA MET A 154 -6.30 -15.71 10.49
C MET A 154 -5.08 -15.05 9.83
N GLN A 155 -5.00 -13.70 9.78
CA GLN A 155 -3.79 -13.02 9.28
C GLN A 155 -2.42 -13.51 9.86
N VAL A 156 -2.36 -13.98 11.11
CA VAL A 156 -1.10 -14.47 11.65
C VAL A 156 -0.95 -16.03 11.63
N ASN A 157 -1.84 -16.74 10.94
CA ASN A 157 -1.73 -18.17 10.78
C ASN A 157 -0.38 -18.49 10.07
N PRO A 158 0.41 -19.45 10.62
CA PRO A 158 1.73 -19.87 10.08
C PRO A 158 1.68 -20.46 8.72
N LEU A 159 0.57 -21.02 8.32
CA LEU A 159 0.43 -21.45 6.94
C LEU A 159 0.54 -20.40 5.82
N HIS A 160 0.29 -19.11 6.15
CA HIS A 160 0.42 -18.06 5.21
C HIS A 160 1.86 -17.78 4.91
N TYR A 161 2.76 -18.20 5.81
CA TYR A 161 4.17 -17.81 5.85
C TYR A 161 5.14 -18.93 5.64
N GLU A 162 4.66 -20.11 5.26
CA GLU A 162 5.58 -21.27 5.02
C GLU A 162 6.53 -20.99 3.83
N GLY A 163 7.84 -20.93 4.11
CA GLY A 163 8.81 -20.69 3.04
C GLY A 163 8.86 -19.24 2.60
N VAL A 164 8.26 -18.38 3.40
CA VAL A 164 8.29 -16.92 3.17
C VAL A 164 9.26 -16.21 4.11
N ASP A 165 10.17 -15.42 3.55
CA ASP A 165 11.16 -14.63 4.31
C ASP A 165 10.74 -13.20 4.81
N VAL A 166 9.90 -12.53 4.00
CA VAL A 166 9.52 -11.14 4.12
C VAL A 166 8.00 -11.00 3.86
N ALA A 167 7.30 -10.26 4.71
CA ALA A 167 5.93 -9.89 4.45
C ALA A 167 5.97 -8.40 4.32
N VAL A 168 5.17 -7.84 3.41
CA VAL A 168 5.14 -6.36 3.17
C VAL A 168 3.69 -5.95 3.41
N GLY A 169 3.50 -4.83 4.10
CA GLY A 169 2.12 -4.31 4.36
C GLY A 169 2.18 -2.84 4.73
N GLY A 170 1.03 -2.17 4.79
CA GLY A 170 0.98 -0.77 5.23
C GLY A 170 1.11 -0.63 6.72
N MET A 171 1.46 0.56 7.21
CA MET A 171 1.61 0.75 8.65
C MET A 171 0.30 0.49 9.44
N GLU A 172 -0.87 0.65 8.82
CA GLU A 172 -2.14 0.35 9.46
C GLU A 172 -2.23 -1.13 9.86
N GLN A 173 -1.39 -2.01 9.28
CA GLN A 173 -1.31 -3.44 9.69
C GLN A 173 -0.29 -3.72 10.83
N ARG A 174 0.43 -2.75 11.36
CA ARG A 174 1.56 -3.13 12.25
C ARG A 174 1.18 -3.81 13.55
N LYS A 175 0.04 -3.49 14.15
CA LYS A 175 -0.35 -4.24 15.36
C LYS A 175 -0.68 -5.67 15.09
N ILE A 176 -1.32 -5.97 13.96
CA ILE A 176 -1.49 -7.36 13.61
C ILE A 176 -0.11 -8.04 13.39
N HIS A 177 0.84 -7.37 12.71
CA HIS A 177 2.20 -7.94 12.54
C HIS A 177 2.96 -8.08 13.78
N MET A 178 2.78 -7.15 14.72
CA MET A 178 3.33 -7.32 16.08
C MET A 178 2.81 -8.61 16.74
N LEU A 179 1.52 -8.88 16.59
CA LEU A 179 0.99 -10.16 17.09
C LEU A 179 1.71 -11.35 16.48
N ALA A 180 1.87 -11.38 15.16
CA ALA A 180 2.54 -12.48 14.42
C ALA A 180 4.01 -12.64 14.79
N ARG A 181 4.73 -11.53 14.94
CA ARG A 181 6.07 -11.57 15.51
C ARG A 181 6.14 -12.35 16.84
N GLU A 182 5.21 -12.09 17.76
CA GLU A 182 5.16 -12.85 18.98
C GLU A 182 4.83 -14.35 18.81
N LEU A 183 3.96 -14.69 17.86
CA LEU A 183 3.23 -15.98 17.86
C LEU A 183 3.61 -16.97 16.79
N LEU A 184 4.38 -16.52 15.78
CA LEU A 184 4.83 -17.38 14.71
C LEU A 184 6.09 -18.15 15.10
N PRO A 185 6.19 -19.43 14.64
CA PRO A 185 7.32 -20.31 14.94
C PRO A 185 8.55 -19.81 14.21
N LYS A 186 8.57 -19.69 12.87
CA LYS A 186 9.71 -19.01 12.24
C LYS A 186 9.52 -17.47 12.02
N LYS A 187 10.55 -16.67 12.29
CA LYS A 187 10.52 -15.21 12.03
C LYS A 187 10.43 -14.82 10.54
N VAL A 188 9.55 -13.85 10.26
CA VAL A 188 9.38 -13.25 8.97
C VAL A 188 9.73 -11.78 9.14
N VAL A 189 10.49 -11.23 8.21
CA VAL A 189 10.75 -9.81 8.23
C VAL A 189 9.50 -9.00 7.82
N CYS A 190 9.09 -8.02 8.61
CA CYS A 190 8.05 -7.06 8.07
C CYS A 190 8.62 -5.84 7.47
N ILE A 191 8.05 -5.47 6.31
CA ILE A 191 8.36 -4.19 5.73
C ILE A 191 7.08 -3.40 5.64
N HIS A 192 7.00 -2.25 6.34
CA HIS A 192 5.87 -1.44 6.38
C HIS A 192 6.07 -0.20 5.61
N ASN A 193 5.06 0.12 4.82
CA ASN A 193 5.06 1.22 3.93
C ASN A 193 4.11 2.19 4.58
N PRO A 194 4.34 3.55 4.36
CA PRO A 194 3.51 4.59 5.05
C PRO A 194 2.12 4.61 4.46
N VAL A 195 1.14 5.10 5.25
CA VAL A 195 -0.19 5.28 4.79
C VAL A 195 -0.33 6.70 4.21
N LEU A 196 -0.78 6.77 2.94
CA LEU A 196 -1.05 8.01 2.20
C LEU A 196 -2.20 8.82 2.77
N THR A 197 -2.06 10.14 2.87
CA THR A 197 -3.21 10.94 3.31
C THR A 197 -4.23 11.07 2.15
N GLY A 198 -5.53 11.15 2.42
CA GLY A 198 -6.53 11.17 1.37
C GLY A 198 -6.52 12.60 0.86
N LEU A 199 -7.09 12.85 -0.32
CA LEU A 199 -7.12 14.18 -0.92
C LEU A 199 -7.68 15.38 -0.11
N ASP A 200 -8.55 15.15 0.81
CA ASP A 200 -9.04 16.30 1.56
C ASP A 200 -8.24 16.58 2.81
N GLY A 201 -7.21 15.76 3.09
CA GLY A 201 -6.40 15.83 4.32
C GLY A 201 -7.05 15.32 5.61
N GLU A 202 -8.21 14.67 5.51
CA GLU A 202 -9.10 14.38 6.67
C GLU A 202 -8.60 13.20 7.45
N GLY A 203 -8.44 12.08 6.75
CA GLY A 203 -7.84 10.89 7.33
C GLY A 203 -6.93 10.30 6.28
N LYS A 204 -6.94 8.97 6.15
CA LYS A 204 -6.08 8.25 5.24
C LYS A 204 -6.78 7.79 3.98
N MET A 205 -6.03 7.68 2.92
CA MET A 205 -6.58 7.35 1.62
C MET A 205 -7.36 6.01 1.71
N SER A 206 -8.48 5.88 1.01
CA SER A 206 -9.40 4.80 1.32
C SER A 206 -10.47 4.58 0.26
N SER A 207 -10.65 3.31 -0.14
CA SER A 207 -11.64 2.99 -1.20
C SER A 207 -13.07 3.34 -0.72
N SER A 208 -13.36 3.22 0.58
CA SER A 208 -14.70 3.57 1.11
C SER A 208 -14.89 5.01 1.64
N LYS A 209 -13.80 5.77 1.72
CA LYS A 209 -13.91 7.13 2.12
C LYS A 209 -14.00 7.96 0.87
N GLY A 210 -13.75 7.36 -0.29
CA GLY A 210 -13.83 8.07 -1.57
C GLY A 210 -12.95 9.31 -1.66
N ASN A 211 -11.72 9.22 -1.17
CA ASN A 211 -10.82 10.35 -1.10
C ASN A 211 -9.46 9.99 -1.76
N PHE A 212 -9.49 9.28 -2.89
CA PHE A 212 -8.28 8.66 -3.39
C PHE A 212 -8.17 8.99 -4.83
N ILE A 213 -7.05 8.69 -5.46
CA ILE A 213 -6.93 8.75 -6.91
C ILE A 213 -6.71 7.34 -7.38
N ALA A 214 -7.55 6.88 -8.30
CA ALA A 214 -7.52 5.52 -8.79
C ALA A 214 -6.62 5.44 -10.00
N VAL A 215 -5.98 4.30 -10.21
CA VAL A 215 -4.88 4.24 -11.18
C VAL A 215 -5.40 4.21 -12.62
N ASP A 216 -6.71 3.98 -12.72
CA ASP A 216 -7.40 3.87 -13.99
C ASP A 216 -8.19 5.17 -14.21
N ASP A 217 -8.14 6.10 -13.25
CA ASP A 217 -8.74 7.44 -13.43
C ASP A 217 -8.44 8.11 -14.83
N SER A 218 -9.43 8.79 -15.44
CA SER A 218 -9.17 9.66 -16.62
C SER A 218 -8.23 10.85 -16.22
N PRO A 219 -7.35 11.28 -17.14
CA PRO A 219 -6.67 12.57 -16.98
C PRO A 219 -7.52 13.71 -16.43
N GLU A 220 -8.74 13.98 -16.93
CA GLU A 220 -9.57 15.13 -16.48
C GLU A 220 -9.94 14.91 -15.06
N GLU A 221 -10.18 13.64 -14.80
CA GLU A 221 -10.46 13.22 -13.46
C GLU A 221 -9.30 13.43 -12.50
N ILE A 222 -8.08 13.08 -12.87
CA ILE A 222 -6.91 13.35 -11.99
C ILE A 222 -6.78 14.85 -11.76
N ARG A 223 -6.91 15.61 -12.86
CA ARG A 223 -6.82 17.08 -12.72
C ARG A 223 -7.81 17.63 -11.68
N ALA A 224 -9.07 17.16 -11.73
CA ALA A 224 -10.11 17.72 -10.85
C ALA A 224 -9.92 17.29 -9.39
N LYS A 225 -9.58 16.03 -9.18
CA LYS A 225 -9.24 15.58 -7.82
C LYS A 225 -8.04 16.37 -7.26
N ILE A 226 -7.00 16.49 -8.07
CA ILE A 226 -5.83 17.29 -7.64
C ILE A 226 -6.15 18.77 -7.45
N LYS A 227 -6.90 19.39 -8.37
CA LYS A 227 -7.26 20.76 -8.15
C LYS A 227 -7.95 20.94 -6.80
N LYS A 228 -8.85 20.04 -6.43
CA LYS A 228 -9.64 20.27 -5.21
C LYS A 228 -8.85 19.96 -3.95
N ALA A 229 -7.66 19.37 -4.10
CA ALA A 229 -6.99 18.69 -2.97
C ALA A 229 -6.43 19.63 -1.92
N TYR A 230 -6.65 19.32 -0.65
CA TYR A 230 -5.94 19.96 0.44
C TYR A 230 -4.40 20.05 0.17
N CYS A 231 -3.84 21.27 0.13
CA CYS A 231 -2.41 21.54 -0.13
C CYS A 231 -2.06 22.94 0.41
N PRO A 232 -2.04 23.11 1.75
CA PRO A 232 -1.75 24.46 2.29
C PRO A 232 -0.30 24.92 2.00
N ALA A 233 -0.19 26.15 1.44
CA ALA A 233 1.10 26.82 1.17
C ALA A 233 2.06 26.68 2.33
N GLY A 234 3.30 26.36 2.05
CA GLY A 234 4.25 26.16 3.15
C GLY A 234 4.11 24.93 4.03
N VAL A 235 3.04 24.14 3.92
CA VAL A 235 2.83 22.98 4.81
C VAL A 235 3.05 21.60 4.14
N VAL A 236 3.90 20.77 4.75
CA VAL A 236 4.27 19.46 4.16
C VAL A 236 3.59 18.30 4.89
N GLU A 237 3.53 18.39 6.21
CA GLU A 237 2.95 17.35 7.04
C GLU A 237 1.50 17.34 6.76
N GLY A 238 1.00 16.21 6.32
CA GLY A 238 -0.43 16.02 6.13
C GLY A 238 -0.89 16.39 4.74
N ASN A 239 0.02 16.91 3.91
CA ASN A 239 -0.25 17.39 2.56
C ASN A 239 -0.18 16.29 1.49
N PRO A 240 -1.32 15.86 0.96
CA PRO A 240 -1.26 14.66 0.11
C PRO A 240 -0.66 14.93 -1.24
N ILE A 241 -0.62 16.19 -1.65
CA ILE A 241 0.02 16.50 -2.93
C ILE A 241 1.53 16.30 -2.78
N MET A 242 2.06 16.68 -1.61
CA MET A 242 3.51 16.56 -1.35
C MET A 242 3.92 15.07 -1.23
N GLU A 243 3.08 14.28 -0.56
CA GLU A 243 3.23 12.81 -0.47
C GLU A 243 3.36 12.16 -1.82
N ILE A 244 2.47 12.52 -2.77
CA ILE A 244 2.54 11.99 -4.12
C ILE A 244 3.91 12.38 -4.79
N ALA A 245 4.29 13.66 -4.63
CA ALA A 245 5.62 14.08 -5.03
C ALA A 245 6.72 13.16 -4.48
N LYS A 246 6.67 12.88 -3.19
CA LYS A 246 7.67 11.99 -2.58
C LYS A 246 7.68 10.55 -3.07
N TYR A 247 6.53 9.89 -3.09
CA TYR A 247 6.52 8.46 -3.39
C TYR A 247 6.39 8.09 -4.84
N PHE A 248 5.93 9.01 -5.69
CA PHE A 248 5.64 8.59 -7.07
C PHE A 248 6.47 9.22 -8.17
N LEU A 249 6.94 10.45 -7.95
CA LEU A 249 7.71 11.20 -8.96
C LEU A 249 9.17 10.75 -9.15
N GLU A 250 9.71 11.09 -10.32
CA GLU A 250 11.12 10.87 -10.73
C GLU A 250 11.88 12.21 -10.62
N TYR A 251 13.07 12.18 -10.03
CA TYR A 251 13.88 13.40 -9.90
C TYR A 251 15.19 13.18 -10.71
N PRO A 252 15.78 14.24 -11.27
CA PRO A 252 15.43 15.64 -11.17
C PRO A 252 14.15 15.98 -11.94
N LEU A 253 13.37 16.87 -11.35
CA LEU A 253 12.02 17.13 -11.77
C LEU A 253 12.02 18.54 -12.33
N THR A 254 11.48 18.69 -13.54
CA THR A 254 11.31 20.06 -14.01
C THR A 254 9.89 20.51 -13.98
N ILE A 255 9.65 21.48 -13.12
CA ILE A 255 8.34 22.11 -12.94
C ILE A 255 8.17 23.30 -13.93
N LYS A 256 7.27 23.13 -14.87
CA LYS A 256 6.93 24.20 -15.80
C LYS A 256 6.10 25.19 -15.03
N ARG A 257 6.50 26.47 -15.09
CA ARG A 257 5.58 27.55 -14.71
C ARG A 257 5.73 28.75 -15.61
N PRO A 258 4.67 29.59 -15.69
CA PRO A 258 4.80 30.93 -16.34
C PRO A 258 5.94 31.78 -15.76
N GLU A 259 6.60 32.55 -16.64
CA GLU A 259 7.67 33.48 -16.22
C GLU A 259 7.20 34.56 -15.16
N LYS A 260 5.89 34.86 -15.09
CA LYS A 260 5.44 35.72 -13.96
C LYS A 260 5.41 35.03 -12.61
N PHE A 261 5.34 33.71 -12.61
CA PHE A 261 5.43 32.98 -11.36
C PHE A 261 6.82 32.47 -11.01
N GLY A 262 7.79 32.83 -11.85
CA GLY A 262 9.18 32.50 -11.60
C GLY A 262 9.79 31.75 -12.75
N GLY A 263 9.02 31.33 -13.78
CA GLY A 263 9.58 30.50 -14.90
C GLY A 263 9.84 29.01 -14.55
N ASP A 264 10.18 28.16 -15.53
CA ASP A 264 10.52 26.72 -15.30
C ASP A 264 11.45 26.55 -14.11
N LEU A 265 11.12 25.60 -13.24
CA LEU A 265 11.99 25.29 -12.09
C LEU A 265 12.43 23.80 -12.13
N THR A 266 13.71 23.55 -11.90
CA THR A 266 14.29 22.21 -11.97
C THR A 266 14.71 21.79 -10.56
N VAL A 267 14.08 20.75 -10.01
CA VAL A 267 14.36 20.30 -8.64
C VAL A 267 15.06 18.95 -8.70
N ASN A 268 16.21 18.80 -8.02
CA ASN A 268 16.96 17.56 -8.26
C ASN A 268 16.66 16.46 -7.27
N SER A 269 15.85 16.77 -6.25
CA SER A 269 15.46 15.80 -5.28
C SER A 269 14.19 16.28 -4.61
N TYR A 270 13.39 15.32 -4.14
CA TYR A 270 12.25 15.65 -3.31
C TYR A 270 12.61 16.52 -2.08
N GLU A 271 13.74 16.23 -1.44
CA GLU A 271 14.21 17.09 -0.31
C GLU A 271 14.43 18.55 -0.71
N GLU A 272 14.94 18.75 -1.93
CA GLU A 272 14.98 20.08 -2.56
C GLU A 272 13.57 20.69 -2.76
N LEU A 273 12.63 19.91 -3.28
CA LEU A 273 11.24 20.35 -3.43
C LEU A 273 10.61 20.73 -2.11
N GLU A 274 10.90 19.95 -1.09
CA GLU A 274 10.37 20.21 0.22
C GLU A 274 10.87 21.55 0.77
N SER A 275 12.14 21.87 0.61
CA SER A 275 12.59 23.21 1.06
C SER A 275 12.02 24.37 0.22
N LEU A 276 11.99 24.19 -1.11
CA LEU A 276 11.35 25.17 -1.98
C LEU A 276 9.90 25.47 -1.58
N PHE A 277 9.16 24.41 -1.28
CA PHE A 277 7.73 24.50 -0.95
C PHE A 277 7.44 25.13 0.42
N LYS A 278 8.12 24.59 1.44
CA LYS A 278 8.13 25.06 2.85
C LYS A 278 8.49 26.52 3.06
N ASN A 279 9.36 27.06 2.20
CA ASN A 279 9.61 28.49 2.33
C ASN A 279 8.92 29.40 1.28
N LYS A 280 8.17 28.76 0.39
CA LYS A 280 7.17 29.43 -0.41
C LYS A 280 7.80 29.96 -1.64
N GLU A 281 8.81 29.26 -2.12
CA GLU A 281 9.42 29.59 -3.38
C GLU A 281 8.66 28.83 -4.47
N LEU A 282 7.66 28.03 -4.05
CA LEU A 282 6.90 27.20 -4.97
C LEU A 282 5.50 27.14 -4.42
N HIS A 283 4.52 27.59 -5.21
CA HIS A 283 3.10 27.73 -4.78
CA HIS A 283 3.20 27.59 -4.64
C HIS A 283 2.27 26.46 -5.07
N PRO A 284 1.28 26.10 -4.18
CA PRO A 284 0.41 24.94 -4.38
C PRO A 284 -0.01 24.68 -5.80
N MET A 285 -0.32 25.74 -6.54
CA MET A 285 -0.86 25.63 -7.90
CA MET A 285 -0.88 25.52 -7.85
C MET A 285 0.14 25.17 -8.94
N ASP A 286 1.39 25.57 -8.80
CA ASP A 286 2.42 25.05 -9.75
C ASP A 286 2.84 23.62 -9.36
N LEU A 287 2.94 23.35 -8.05
CA LEU A 287 3.05 21.98 -7.52
C LEU A 287 1.93 21.08 -8.17
N LYS A 288 0.68 21.39 -7.81
CA LYS A 288 -0.49 20.73 -8.33
C LYS A 288 -0.40 20.48 -9.81
N ASN A 289 0.05 21.45 -10.62
CA ASN A 289 0.04 21.24 -12.08
C ASN A 289 1.12 20.26 -12.45
N ALA A 290 2.27 20.39 -11.79
CA ALA A 290 3.38 19.43 -12.01
C ALA A 290 2.99 18.02 -11.56
N VAL A 291 2.38 17.91 -10.38
CA VAL A 291 2.06 16.58 -9.81
C VAL A 291 1.00 15.87 -10.71
N ALA A 292 -0.06 16.62 -11.05
CA ALA A 292 -1.11 16.17 -11.93
C ALA A 292 -0.53 15.76 -13.23
N GLU A 293 0.39 16.53 -13.78
CA GLU A 293 0.87 16.16 -15.09
C GLU A 293 1.79 15.00 -15.10
N GLU A 294 2.65 14.89 -14.10
CA GLU A 294 3.52 13.69 -14.03
C GLU A 294 2.73 12.47 -13.53
N LEU A 295 1.76 12.65 -12.64
CA LEU A 295 0.89 11.52 -12.27
C LEU A 295 0.19 10.93 -13.49
N ILE A 296 -0.38 11.79 -14.35
CA ILE A 296 -1.03 11.32 -15.57
C ILE A 296 -0.07 10.48 -16.45
N LYS A 297 1.15 10.94 -16.57
CA LYS A 297 2.08 10.23 -17.42
C LYS A 297 2.49 8.92 -16.80
N ILE A 298 2.65 8.88 -15.47
CA ILE A 298 3.06 7.61 -14.78
C ILE A 298 1.90 6.58 -14.89
N LEU A 299 0.67 7.02 -14.65
CA LEU A 299 -0.52 6.11 -14.78
C LEU A 299 -0.97 5.67 -16.19
N GLU A 300 -0.58 6.42 -17.22
CA GLU A 300 -1.05 6.22 -18.60
C GLU A 300 -0.90 4.79 -19.15
N PRO A 301 0.32 4.23 -19.08
CA PRO A 301 0.44 2.84 -19.54
C PRO A 301 -0.49 1.87 -18.81
N ILE A 302 -0.78 2.09 -17.54
CA ILE A 302 -1.63 1.21 -16.77
C ILE A 302 -3.08 1.37 -17.21
N ARG A 303 -3.56 2.61 -17.29
CA ARG A 303 -4.87 2.91 -17.86
C ARG A 303 -5.03 2.31 -19.25
N LYS A 304 -4.02 2.50 -20.12
CA LYS A 304 -4.03 1.89 -21.47
C LYS A 304 -4.24 0.38 -21.47
N ARG A 305 -3.39 -0.43 -20.82
CA ARG A 305 -3.70 -1.85 -20.92
C ARG A 305 -4.98 -2.31 -20.21
N LEU A 306 -5.38 -1.63 -19.14
CA LEU A 306 -6.69 -1.91 -18.54
C LEU A 306 -7.82 -1.58 -19.55
N LEU A 307 -7.57 -0.60 -20.41
CA LEU A 307 -8.55 -0.28 -21.45
C LEU A 307 -8.37 -1.08 -22.74
N GLU A 308 -7.18 -1.61 -23.02
CA GLU A 308 -6.99 -2.41 -24.24
C GLU A 308 -8.11 -3.49 -24.37
N HIS A 309 -8.58 -3.69 -25.62
CA HIS A 309 -9.70 -4.59 -26.06
C HIS A 309 -10.77 -3.83 -26.92
#